data_5V2N
#
_entry.id   5V2N
#
_cell.length_a   60.620
_cell.length_b   60.620
_cell.length_c   80.708
_cell.angle_alpha   90.000
_cell.angle_beta   90.000
_cell.angle_gamma   90.000
#
_symmetry.space_group_name_H-M   'P 43 21 2'
#
loop_
_entity.id
_entity.type
_entity.pdbx_description
1 polymer 'N-lysine methyltransferase KMT5A'
2 non-polymer 1,2-ETHANEDIOL
3 water water
#
_entity_poly.entity_id   1
_entity_poly.type   'polypeptide(L)'
_entity_poly.pdbx_seq_one_letter_code
;GGSSRKSKAELQSEERKRIDELIESGKEEGMKIDLIDGKGRGVIATKQFSRGDFVVEYHGDLIEITDAAARAALYAQDPS
TGCYMYYFQYLSKTYCVDATRETNRLGRLINHSKCGNCQTKLHDIDGVPHLILIASRDIAAGEELLYDYGDRSKASIEAH
PWLKH
;
_entity_poly.pdbx_strand_id   A
#
loop_
_chem_comp.id
_chem_comp.type
_chem_comp.name
_chem_comp.formula
EDO non-polymer 1,2-ETHANEDIOL 'C2 H6 O2'
#
# COMPACT_ATOMS: atom_id res chain seq x y z
N GLY A 2 23.72 23.66 10.89
CA GLY A 2 23.57 22.22 10.56
C GLY A 2 24.18 21.81 9.23
N SER A 3 25.47 22.09 9.04
CA SER A 3 26.18 21.85 7.77
C SER A 3 26.70 20.41 7.55
N SER A 4 26.68 19.59 8.61
CA SER A 4 27.08 18.20 8.53
C SER A 4 26.18 17.43 7.55
N ARG A 5 26.79 16.55 6.76
CA ARG A 5 26.07 15.72 5.78
C ARG A 5 25.04 14.81 6.47
N LYS A 6 23.77 14.90 6.06
CA LYS A 6 22.73 14.05 6.64
C LYS A 6 22.94 12.57 6.34
N SER A 7 23.00 11.79 7.41
CA SER A 7 23.09 10.34 7.39
C SER A 7 21.96 9.70 6.57
N LYS A 8 22.21 8.50 6.04
CA LYS A 8 21.16 7.64 5.51
C LYS A 8 20.08 7.38 6.57
N ALA A 9 20.50 7.24 7.82
CA ALA A 9 19.55 7.05 8.92
C ALA A 9 18.72 8.30 9.15
N GLU A 10 19.36 9.47 9.12
CA GLU A 10 18.69 10.74 9.36
C GLU A 10 17.64 11.01 8.27
N LEU A 11 17.99 10.70 7.02
CA LEU A 11 17.07 10.82 5.88
C LEU A 11 15.85 9.93 6.01
N GLN A 12 16.05 8.67 6.38
CA GLN A 12 14.93 7.77 6.64
C GLN A 12 14.05 8.25 7.79
N SER A 13 14.66 8.81 8.82
CA SER A 13 13.91 9.42 9.95
C SER A 13 13.04 10.58 9.51
N GLU A 14 13.61 11.45 8.67
CA GLU A 14 12.87 12.58 8.09
C GLU A 14 11.74 12.14 7.19
N GLU A 15 11.98 11.10 6.37
CA GLU A 15 10.92 10.58 5.52
C GLU A 15 9.80 9.91 6.32
N ARG A 16 10.14 9.23 7.42
CA ARG A 16 9.12 8.71 8.32
C ARG A 16 8.21 9.80 8.89
N LYS A 17 8.81 10.92 9.31
CA LYS A 17 8.09 12.11 9.78
C LYS A 17 7.20 12.72 8.69
N ARG A 18 7.75 12.86 7.49
CA ARG A 18 7.01 13.33 6.31
C ARG A 18 5.77 12.44 6.04
N ILE A 19 5.97 11.13 6.11
CA ILE A 19 4.92 10.17 5.84
C ILE A 19 3.82 10.26 6.90
N ASP A 20 4.21 10.29 8.19
CA ASP A 20 3.26 10.54 9.29
C ASP A 20 2.32 11.73 9.02
N GLU A 21 2.89 12.79 8.47
CA GLU A 21 2.15 14.03 8.23
C GLU A 21 1.24 13.94 7.04
N LEU A 22 1.68 13.27 5.99
CA LEU A 22 0.84 13.03 4.81
C LEU A 22 -0.32 12.11 5.12
N ILE A 23 -0.07 11.10 5.96
CA ILE A 23 -1.10 10.19 6.46
C ILE A 23 -2.07 10.95 7.38
N GLU A 24 -1.55 11.87 8.18
CA GLU A 24 -2.36 12.74 9.03
C GLU A 24 -3.19 13.69 8.17
N SER A 25 -2.57 14.30 7.17
CA SER A 25 -3.25 15.29 6.36
C SER A 25 -4.13 14.68 5.26
N GLY A 26 -3.77 13.50 4.78
CA GLY A 26 -4.42 12.88 3.64
C GLY A 26 -4.09 13.54 2.30
N LYS A 27 -3.14 14.48 2.32
CA LYS A 27 -2.63 15.12 1.11
C LYS A 27 -2.00 14.09 0.24
N GLU A 28 -2.29 14.14 -1.05
CA GLU A 28 -1.73 13.21 -2.02
C GLU A 28 -1.28 14.04 -3.20
N GLU A 29 -0.02 13.91 -3.56
CA GLU A 29 0.49 14.61 -4.73
C GLU A 29 1.24 13.62 -5.61
N GLY A 30 1.24 13.89 -6.91
CA GLY A 30 2.06 13.15 -7.84
C GLY A 30 1.36 12.00 -8.51
N MET A 31 0.06 11.88 -8.29
CA MET A 31 -0.76 10.87 -9.00
C MET A 31 -2.12 11.43 -9.34
N LYS A 32 -2.74 10.84 -10.36
CA LYS A 32 -4.10 11.19 -10.81
C LYS A 32 -4.74 9.92 -11.30
N ILE A 33 -6.07 9.88 -11.27
CA ILE A 33 -6.82 8.86 -12.00
C ILE A 33 -6.65 9.12 -13.50
N ASP A 34 -6.58 8.06 -14.28
CA ASP A 34 -6.61 8.18 -15.73
C ASP A 34 -7.40 7.03 -16.36
N LEU A 35 -7.73 7.17 -17.63
CA LEU A 35 -8.27 6.05 -18.43
C LEU A 35 -7.17 5.60 -19.35
N ILE A 36 -6.89 4.31 -19.32
CA ILE A 36 -5.78 3.69 -20.04
C ILE A 36 -6.33 2.88 -21.19
N ASP A 37 -5.83 3.17 -22.39
CA ASP A 37 -6.26 2.47 -23.60
C ASP A 37 -6.04 0.96 -23.45
N GLY A 38 -7.13 0.20 -23.62
CA GLY A 38 -7.10 -1.27 -23.55
C GLY A 38 -7.12 -1.85 -22.15
N LYS A 39 -7.55 -1.05 -21.17
CA LYS A 39 -7.52 -1.45 -19.78
C LYS A 39 -8.61 -0.77 -18.94
N GLY A 40 -8.77 0.54 -19.12
CA GLY A 40 -9.80 1.30 -18.40
C GLY A 40 -9.15 2.14 -17.34
N ARG A 41 -9.79 2.23 -16.18
CA ARG A 41 -9.36 3.08 -15.09
C ARG A 41 -8.12 2.51 -14.41
N GLY A 42 -7.14 3.38 -14.17
CA GLY A 42 -6.04 3.09 -13.27
C GLY A 42 -5.55 4.40 -12.72
N VAL A 43 -4.40 4.32 -12.03
CA VAL A 43 -3.79 5.49 -11.42
C VAL A 43 -2.40 5.66 -12.04
N ILE A 44 -2.10 6.87 -12.52
CA ILE A 44 -0.80 7.15 -13.14
C ILE A 44 0.06 8.11 -12.32
N ALA A 45 1.40 7.97 -12.40
CA ALA A 45 2.30 9.00 -11.85
C ALA A 45 2.19 10.31 -12.67
N THR A 46 2.13 11.45 -11.99
CA THR A 46 2.16 12.74 -12.68
C THR A 46 3.52 13.45 -12.51
N LYS A 47 4.40 12.82 -11.74
CA LYS A 47 5.76 13.27 -11.51
C LYS A 47 6.67 12.06 -11.35
N GLN A 48 7.98 12.30 -11.33
CA GLN A 48 8.97 11.27 -11.14
C GLN A 48 8.94 10.73 -9.71
N PHE A 49 9.13 9.43 -9.56
CA PHE A 49 9.40 8.83 -8.24
C PHE A 49 10.71 8.09 -8.28
N SER A 50 11.49 8.26 -7.25
CA SER A 50 12.73 7.51 -7.16
C SER A 50 12.45 6.22 -6.45
N ARG A 51 13.19 5.18 -6.84
CA ARG A 51 13.19 3.91 -6.15
C ARG A 51 13.22 4.15 -4.66
N GLY A 52 12.27 3.54 -3.95
CA GLY A 52 12.18 3.66 -2.50
C GLY A 52 11.33 4.80 -1.99
N ASP A 53 10.89 5.70 -2.87
CA ASP A 53 10.03 6.83 -2.46
C ASP A 53 8.64 6.34 -2.02
N PHE A 54 8.09 6.99 -0.99
CA PHE A 54 6.71 6.86 -0.61
C PHE A 54 5.86 7.32 -1.77
N VAL A 55 4.85 6.54 -2.12
CA VAL A 55 3.96 6.88 -3.23
C VAL A 55 2.62 7.37 -2.66
N VAL A 56 1.95 6.50 -1.90
CA VAL A 56 0.59 6.76 -1.41
C VAL A 56 0.31 5.79 -0.27
N GLU A 57 -0.53 6.19 0.67
CA GLU A 57 -1.06 5.26 1.64
C GLU A 57 -2.15 4.47 0.94
N TYR A 58 -2.25 3.18 1.24
CA TYR A 58 -3.47 2.44 0.90
C TYR A 58 -4.51 2.72 2.00
N HIS A 59 -5.34 3.73 1.73
CA HIS A 59 -6.23 4.24 2.73
C HIS A 59 -7.64 3.64 2.61
N GLY A 60 -8.15 3.16 3.74
CA GLY A 60 -9.58 2.79 3.89
C GLY A 60 -9.85 2.51 5.36
N ASP A 61 -10.81 1.64 5.67
CA ASP A 61 -11.13 1.31 7.06
C ASP A 61 -10.35 0.10 7.56
N LEU A 62 -9.57 0.30 8.63
CA LEU A 62 -8.85 -0.80 9.26
C LEU A 62 -9.79 -1.69 10.10
N ILE A 63 -9.74 -2.99 9.88
CA ILE A 63 -10.59 -3.94 10.58
C ILE A 63 -9.68 -5.04 11.11
N GLU A 64 -9.78 -5.34 12.40
CA GLU A 64 -9.00 -6.40 12.98
C GLU A 64 -9.76 -7.71 12.92
N ILE A 65 -9.10 -8.77 12.45
CA ILE A 65 -9.68 -10.11 12.34
C ILE A 65 -9.05 -11.06 13.35
N THR A 66 -9.89 -11.77 14.10
CA THR A 66 -9.44 -12.49 15.30
C THR A 66 -9.75 -13.99 15.32
N ASP A 67 -10.57 -14.48 14.40
CA ASP A 67 -10.86 -15.93 14.41
C ASP A 67 -10.30 -16.63 13.17
N ALA A 68 -10.01 -17.91 13.34
CA ALA A 68 -9.40 -18.73 12.29
C ALA A 68 -10.22 -18.78 10.99
N ALA A 69 -11.55 -18.95 11.09
CA ALA A 69 -12.40 -19.02 9.91
C ALA A 69 -12.37 -17.73 9.07
N ALA A 70 -12.50 -16.59 9.75
CA ALA A 70 -12.41 -15.26 9.13
C ALA A 70 -11.04 -15.07 8.46
N ARG A 71 -9.97 -15.51 9.14
CA ARG A 71 -8.63 -15.50 8.56
C ARG A 71 -8.55 -16.33 7.28
N ALA A 72 -9.12 -17.55 7.30
CA ALA A 72 -9.17 -18.41 6.11
C ALA A 72 -9.89 -17.71 4.95
N ALA A 73 -11.02 -17.05 5.25
CA ALA A 73 -11.79 -16.31 4.26
C ALA A 73 -10.92 -15.23 3.63
N LEU A 74 -10.21 -14.46 4.47
CA LEU A 74 -9.24 -13.48 3.98
C LEU A 74 -8.19 -14.11 3.05
N TYR A 75 -7.53 -15.16 3.54
CA TYR A 75 -6.39 -15.77 2.86
C TYR A 75 -6.73 -16.47 1.55
N ALA A 76 -7.95 -16.99 1.46
CA ALA A 76 -8.38 -17.71 0.27
C ALA A 76 -8.79 -16.80 -0.91
N GLN A 77 -8.84 -15.48 -0.69
CA GLN A 77 -9.24 -14.47 -1.71
C GLN A 77 -8.39 -14.51 -2.99
N ASP A 78 -9.01 -14.13 -4.12
CA ASP A 78 -8.28 -13.92 -5.38
C ASP A 78 -8.31 -12.45 -5.76
N PRO A 79 -7.12 -11.89 -6.16
CA PRO A 79 -6.95 -10.53 -6.68
C PRO A 79 -8.03 -10.01 -7.64
N SER A 80 -8.56 -10.87 -8.51
CA SER A 80 -9.64 -10.51 -9.42
C SER A 80 -11.02 -10.61 -8.77
N GLY A 82 -13.71 -9.32 -7.49
CA GLY A 82 -13.70 -7.87 -7.12
C GLY A 82 -13.99 -7.59 -5.65
N CYS A 83 -13.90 -6.32 -5.29
CA CYS A 83 -13.96 -5.84 -3.89
C CYS A 83 -13.00 -6.63 -2.96
N TYR A 84 -11.84 -6.98 -3.52
CA TYR A 84 -10.75 -7.66 -2.81
C TYR A 84 -10.35 -6.83 -1.58
N MET A 85 -10.21 -7.50 -0.45
CA MET A 85 -9.90 -6.83 0.80
C MET A 85 -8.45 -7.16 1.14
N TYR A 86 -7.59 -6.16 0.99
CA TYR A 86 -6.15 -6.36 1.22
C TYR A 86 -5.91 -6.58 2.70
N TYR A 87 -5.06 -7.54 3.05
CA TYR A 87 -4.82 -7.89 4.46
C TYR A 87 -3.33 -8.01 4.82
N PHE A 88 -3.00 -8.00 6.10
CA PHE A 88 -1.61 -8.16 6.55
C PHE A 88 -1.58 -8.63 8.01
N GLN A 89 -0.40 -9.10 8.43
CA GLN A 89 -0.10 -9.46 9.82
C GLN A 89 0.72 -8.34 10.41
N TYR A 90 0.40 -7.98 11.65
CA TYR A 90 1.21 -7.03 12.38
C TYR A 90 1.16 -7.30 13.87
N LEU A 91 2.32 -7.51 14.49
CA LEU A 91 2.42 -7.67 15.95
C LEU A 91 1.43 -8.74 16.48
N SER A 92 1.44 -9.90 15.82
CA SER A 92 0.60 -11.08 16.14
C SER A 92 -0.91 -10.85 15.90
N LYS A 93 -1.26 -9.74 15.26
CA LYS A 93 -2.67 -9.50 14.87
C LYS A 93 -2.85 -9.62 13.36
N THR A 94 -4.11 -9.82 12.92
CA THR A 94 -4.47 -9.86 11.51
C THR A 94 -5.39 -8.68 11.22
N TYR A 95 -5.09 -7.96 10.15
CA TYR A 95 -5.88 -6.78 9.79
C TYR A 95 -6.23 -6.89 8.35
N CYS A 96 -7.38 -6.32 7.99
CA CYS A 96 -7.63 -6.03 6.60
C CYS A 96 -8.09 -4.60 6.50
N VAL A 97 -8.09 -4.07 5.28
CA VAL A 97 -8.48 -2.69 5.01
C VAL A 97 -9.68 -2.73 4.10
N ASP A 98 -10.82 -2.23 4.57
CA ASP A 98 -11.99 -2.14 3.70
C ASP A 98 -11.89 -0.84 2.93
N ALA A 99 -11.73 -0.94 1.61
CA ALA A 99 -11.61 0.25 0.77
C ALA A 99 -12.85 0.54 -0.09
N THR A 100 -14.01 0.00 0.32
CA THR A 100 -15.21 0.08 -0.52
C THR A 100 -15.95 1.41 -0.45
N ARG A 101 -15.77 2.18 0.62
CA ARG A 101 -16.37 3.53 0.64
C ARG A 101 -15.69 4.42 -0.40
N GLU A 102 -16.52 5.15 -1.15
CA GLU A 102 -16.03 6.05 -2.17
C GLU A 102 -15.35 7.25 -1.54
N THR A 103 -14.06 7.43 -1.78
CA THR A 103 -13.33 8.59 -1.25
C THR A 103 -12.53 9.25 -2.35
N ASN A 104 -11.87 10.35 -2.02
CA ASN A 104 -10.89 10.95 -2.93
C ASN A 104 -9.48 10.34 -2.84
N ARG A 105 -9.26 9.45 -1.87
CA ARG A 105 -7.95 8.83 -1.62
C ARG A 105 -7.65 7.78 -2.70
N LEU A 106 -6.51 7.92 -3.38
CA LEU A 106 -6.26 7.20 -4.64
C LEU A 106 -5.59 5.83 -4.55
N GLY A 107 -5.01 5.47 -3.40
CA GLY A 107 -4.33 4.17 -3.26
C GLY A 107 -5.21 2.96 -3.59
N ARG A 108 -6.46 3.01 -3.09
CA ARG A 108 -7.50 2.01 -3.35
C ARG A 108 -7.79 1.75 -4.83
N LEU A 109 -7.40 2.69 -5.69
CA LEU A 109 -7.70 2.61 -7.13
C LEU A 109 -6.49 2.11 -7.94
N ILE A 110 -5.34 1.94 -7.30
CA ILE A 110 -4.19 1.42 -8.02
C ILE A 110 -4.45 -0.05 -8.40
N ASN A 111 -4.28 -0.36 -9.68
CA ASN A 111 -4.50 -1.72 -10.18
C ASN A 111 -3.47 -2.77 -9.74
N HIS A 112 -3.89 -4.04 -9.88
CA HIS A 112 -3.08 -5.20 -9.53
C HIS A 112 -2.20 -5.63 -10.68
N SER A 113 -0.96 -6.00 -10.37
CA SER A 113 -0.13 -6.68 -11.34
C SER A 113 0.96 -7.47 -10.65
N LYS A 114 1.27 -8.64 -11.21
CA LYS A 114 2.44 -9.43 -10.81
C LYS A 114 3.73 -8.81 -11.34
N CYS A 115 3.63 -7.91 -12.31
CA CYS A 115 4.81 -7.24 -12.88
C CYS A 115 4.72 -5.73 -12.68
N GLY A 116 4.53 -5.32 -11.43
CA GLY A 116 4.27 -3.91 -11.10
C GLY A 116 5.53 -3.12 -10.84
N ASN A 117 5.34 -1.87 -10.42
CA ASN A 117 6.44 -0.95 -10.16
C ASN A 117 6.41 -0.42 -8.72
N CYS A 118 5.39 -0.85 -7.95
CA CYS A 118 5.29 -0.51 -6.52
C CYS A 118 5.24 -1.74 -5.62
N GLN A 119 5.62 -1.56 -4.36
CA GLN A 119 5.47 -2.59 -3.37
C GLN A 119 4.86 -2.02 -2.11
N THR A 120 4.20 -2.89 -1.37
CA THR A 120 3.59 -2.50 -0.10
C THR A 120 4.63 -2.49 1.01
N LYS A 121 4.32 -1.76 2.07
CA LYS A 121 5.16 -1.67 3.24
C LYS A 121 4.29 -1.25 4.42
N LEU A 122 4.59 -1.83 5.58
CA LEU A 122 3.94 -1.43 6.81
C LEU A 122 4.67 -0.30 7.46
N HIS A 123 3.89 0.66 7.97
CA HIS A 123 4.42 1.87 8.57
C HIS A 123 3.71 2.10 9.90
N ASP A 124 4.49 2.14 10.98
CA ASP A 124 3.94 2.23 12.33
C ASP A 124 3.69 3.68 12.73
N ILE A 125 2.48 4.00 13.16
CA ILE A 125 2.25 5.29 13.83
C ILE A 125 1.66 5.01 15.20
N ASP A 126 2.49 5.19 16.21
CA ASP A 126 2.18 4.95 17.62
C ASP A 126 1.49 3.58 17.83
N GLY A 127 2.04 2.54 17.18
CA GLY A 127 1.52 1.18 17.30
C GLY A 127 0.44 0.80 16.29
N VAL A 128 -0.09 1.79 15.58
CA VAL A 128 -1.11 1.52 14.57
C VAL A 128 -0.42 1.27 13.24
N PRO A 129 -0.64 0.08 12.64
CA PRO A 129 -0.01 -0.18 11.34
C PRO A 129 -0.70 0.60 10.21
N HIS A 130 0.08 1.25 9.37
CA HIS A 130 -0.44 1.84 8.13
C HIS A 130 0.20 1.20 6.92
N LEU A 131 -0.64 0.91 5.94
CA LEU A 131 -0.21 0.23 4.76
C LEU A 131 0.05 1.29 3.71
N ILE A 132 1.30 1.34 3.25
CA ILE A 132 1.72 2.35 2.30
C ILE A 132 2.31 1.65 1.08
N LEU A 133 2.35 2.39 -0.03
CA LEU A 133 2.95 1.92 -1.25
C LEU A 133 4.22 2.74 -1.47
N ILE A 134 5.25 2.03 -1.91
CA ILE A 134 6.60 2.54 -2.11
C ILE A 134 7.01 2.15 -3.54
N ALA A 135 7.76 3.05 -4.19
CA ALA A 135 8.27 2.78 -5.53
C ALA A 135 9.34 1.68 -5.48
N SER A 136 9.14 0.61 -6.25
CA SER A 136 10.10 -0.49 -6.32
C SER A 136 11.30 -0.14 -7.21
N ARG A 137 11.10 0.85 -8.09
CA ARG A 137 12.13 1.36 -8.96
C ARG A 137 11.87 2.81 -9.27
N ASP A 138 12.79 3.47 -10.00
CA ASP A 138 12.53 4.79 -10.59
C ASP A 138 11.27 4.73 -11.43
N ILE A 139 10.35 5.66 -11.20
CA ILE A 139 9.09 5.69 -11.96
C ILE A 139 8.97 7.07 -12.60
N ALA A 140 8.63 7.07 -13.89
CA ALA A 140 8.44 8.29 -14.67
C ALA A 140 7.02 8.81 -14.59
N ALA A 141 6.88 10.14 -14.66
CA ALA A 141 5.59 10.76 -14.93
C ALA A 141 4.93 10.06 -16.13
N GLY A 142 3.65 9.72 -16.01
CA GLY A 142 2.94 9.02 -17.09
C GLY A 142 2.76 7.54 -16.92
N GLU A 143 3.62 6.88 -16.15
CA GLU A 143 3.50 5.44 -15.90
C GLU A 143 2.30 5.17 -15.01
N GLU A 144 1.55 4.11 -15.32
CA GLU A 144 0.58 3.57 -14.40
C GLU A 144 1.27 2.93 -13.18
N LEU A 145 0.74 3.23 -12.02
CA LEU A 145 1.16 2.61 -10.78
C LEU A 145 0.50 1.26 -10.64
N LEU A 146 1.30 0.25 -10.33
CA LEU A 146 0.83 -1.13 -10.17
C LEU A 146 1.57 -1.85 -9.06
N TYR A 147 0.87 -2.70 -8.31
CA TYR A 147 1.53 -3.57 -7.32
C TYR A 147 0.80 -4.90 -7.28
N ASP A 148 1.42 -5.88 -6.62
CA ASP A 148 0.88 -7.22 -6.50
C ASP A 148 -0.03 -7.30 -5.28
N TYR A 149 -1.34 -7.40 -5.52
CA TYR A 149 -2.33 -7.56 -4.45
C TYR A 149 -2.07 -8.79 -3.59
N GLY A 150 -1.49 -9.84 -4.21
CA GLY A 150 -1.17 -11.10 -3.54
C GLY A 150 0.22 -11.23 -2.86
N ASP A 151 0.91 -10.11 -2.62
CA ASP A 151 2.33 -10.15 -2.13
C ASP A 151 2.53 -10.78 -0.72
N ARG A 152 1.46 -10.78 0.08
CA ARG A 152 1.49 -11.29 1.46
C ARG A 152 0.75 -12.61 1.68
N SER A 153 0.07 -13.11 0.64
CA SER A 153 -0.84 -14.25 0.76
C SER A 153 -0.14 -15.55 1.16
N LYS A 154 0.97 -15.85 0.47
CA LYS A 154 1.72 -17.08 0.71
C LYS A 154 2.20 -17.17 2.16
N ALA A 155 2.81 -16.10 2.67
CA ALA A 155 3.27 -16.04 4.07
C ALA A 155 2.08 -16.19 5.05
N SER A 156 0.96 -15.52 4.78
CA SER A 156 -0.24 -15.64 5.63
C SER A 156 -0.84 -17.04 5.62
N ILE A 157 -1.05 -17.59 4.42
CA ILE A 157 -1.60 -18.94 4.24
C ILE A 157 -0.77 -20.02 4.96
N GLU A 158 0.56 -19.95 4.83
CA GLU A 158 1.46 -20.95 5.41
C GLU A 158 1.43 -20.97 6.94
N ALA A 159 1.17 -19.81 7.53
CA ALA A 159 1.06 -19.66 8.98
C ALA A 159 -0.33 -20.01 9.56
N HIS A 160 -1.32 -20.27 8.69
CA HIS A 160 -2.69 -20.53 9.17
C HIS A 160 -2.75 -21.90 9.88
N PRO A 161 -3.34 -21.96 11.10
CA PRO A 161 -3.40 -23.21 11.90
C PRO A 161 -4.05 -24.42 11.22
N TRP A 162 -4.95 -24.17 10.27
CA TRP A 162 -5.64 -25.25 9.56
C TRP A 162 -4.82 -25.86 8.39
N LEU A 163 -3.54 -25.48 8.27
CA LEU A 163 -2.67 -26.01 7.21
C LEU A 163 -1.36 -26.65 7.70
C1 EDO B . -13.12 -0.99 -4.70
O1 EDO B . -12.10 0.00 -4.78
C2 EDO B . -12.50 -2.35 -4.43
O2 EDO B . -12.49 -2.61 -3.02
C1 EDO C . -2.29 -10.76 0.36
O1 EDO C . -1.27 -10.37 -0.54
C2 EDO C . -2.40 -9.64 1.37
O2 EDO C . -3.36 -8.72 0.92
C1 EDO D . -15.48 3.58 -5.84
O1 EDO D . -14.74 2.76 -6.77
C2 EDO D . -15.19 5.07 -6.08
O2 EDO D . -14.04 5.27 -6.90
#